data_5ID5
#
_entry.id   5ID5
#
_entity_poly.entity_id   1
_entity_poly.type   'polypeptide(L)'
_entity_poly.pdbx_seq_one_letter_code
;SKCRQWQSKIRRTNPIFCIRRASPT
;
_entity_poly.pdbx_strand_id   A
#
# COMPACT_ATOMS: atom_id res chain seq x y z
N SER A 1 10.93 -10.67 8.47
CA SER A 1 11.80 -10.47 7.28
C SER A 1 11.59 -9.09 6.66
N LYS A 2 12.65 -8.28 6.57
CA LYS A 2 12.63 -6.92 6.01
C LYS A 2 12.22 -6.87 4.54
N CYS A 3 12.91 -7.63 3.68
CA CYS A 3 12.75 -7.60 2.22
C CYS A 3 11.30 -7.90 1.76
N ARG A 4 10.73 -9.04 2.19
CA ARG A 4 9.34 -9.44 1.89
C ARG A 4 8.35 -8.39 2.38
N GLN A 5 8.45 -7.99 3.65
CA GLN A 5 7.53 -7.03 4.25
C GLN A 5 7.59 -5.65 3.57
N TRP A 6 8.77 -5.18 3.16
CA TRP A 6 8.95 -3.98 2.34
C TRP A 6 8.23 -4.09 0.99
N GLN A 7 8.42 -5.19 0.24
CA GLN A 7 7.70 -5.45 -1.01
C GLN A 7 6.16 -5.47 -0.82
N SER A 8 5.66 -6.14 0.21
CA SER A 8 4.23 -6.13 0.58
C SER A 8 3.73 -4.72 0.95
N LYS A 9 4.51 -3.96 1.73
CA LYS A 9 4.22 -2.56 2.09
C LYS A 9 4.13 -1.67 0.86
N ILE A 10 5.07 -1.71 -0.09
CA ILE A 10 5.01 -0.93 -1.34
C ILE A 10 3.66 -1.11 -2.05
N ARG A 11 3.21 -2.37 -2.20
CA ARG A 11 1.92 -2.73 -2.83
C ARG A 11 0.68 -2.26 -2.04
N ARG A 12 0.80 -2.07 -0.72
CA ARG A 12 -0.22 -1.44 0.15
C ARG A 12 -0.20 0.09 0.04
N THR A 13 0.98 0.69 0.18
CA THR A 13 1.23 2.14 0.17
C THR A 13 0.83 2.78 -1.16
N ASN A 14 0.99 2.09 -2.30
CA ASN A 14 0.57 2.58 -3.62
C ASN A 14 -0.89 3.12 -3.63
N PRO A 15 -1.94 2.29 -3.43
CA PRO A 15 -3.32 2.79 -3.37
C PRO A 15 -3.55 3.76 -2.20
N ILE A 16 -3.00 3.48 -1.00
CA ILE A 16 -3.15 4.33 0.21
C ILE A 16 -2.58 5.75 0.03
N PHE A 17 -1.61 5.95 -0.87
CA PHE A 17 -1.03 7.25 -1.21
C PHE A 17 -1.71 7.88 -2.45
N CYS A 18 -1.98 7.09 -3.50
CA CYS A 18 -2.64 7.56 -4.73
C CYS A 18 -4.09 8.02 -4.52
N ILE A 19 -4.84 7.40 -3.59
CA ILE A 19 -6.18 7.81 -3.15
C ILE A 19 -6.29 7.82 -1.61
N ARG A 20 -7.23 8.61 -1.07
CA ARG A 20 -7.49 8.75 0.38
C ARG A 20 -8.91 8.30 0.79
N ARG A 21 -9.70 7.81 -0.17
CA ARG A 21 -11.09 7.31 -0.01
C ARG A 21 -11.15 6.13 0.96
N ALA A 22 -10.41 5.05 0.67
CA ALA A 22 -10.24 3.89 1.54
C ALA A 22 -9.26 4.18 2.69
N SER A 23 -9.77 4.35 3.91
CA SER A 23 -8.99 4.52 5.14
C SER A 23 -9.56 3.68 6.30
N PRO A 24 -9.28 2.36 6.34
CA PRO A 24 -9.77 1.45 7.37
C PRO A 24 -8.99 1.61 8.69
N THR A 25 -9.48 2.47 9.58
CA THR A 25 -8.90 2.77 10.91
C THR A 25 -9.63 2.08 12.07
N SER A 1 11.14 -11.37 7.22
CA SER A 1 12.14 -10.79 6.29
C SER A 1 11.82 -9.33 5.99
N LYS A 2 12.82 -8.44 6.14
CA LYS A 2 12.72 -7.01 5.79
C LYS A 2 12.34 -6.80 4.31
N CYS A 3 12.98 -7.53 3.40
CA CYS A 3 12.71 -7.47 1.96
C CYS A 3 11.25 -7.84 1.63
N ARG A 4 10.76 -8.98 2.12
CA ARG A 4 9.37 -9.43 1.98
C ARG A 4 8.39 -8.39 2.51
N GLN A 5 8.57 -7.94 3.75
CA GLN A 5 7.73 -6.95 4.40
C GLN A 5 7.70 -5.62 3.63
N TRP A 6 8.86 -5.09 3.21
CA TRP A 6 8.97 -3.87 2.39
C TRP A 6 8.24 -3.98 1.05
N GLN A 7 8.46 -5.06 0.28
CA GLN A 7 7.75 -5.32 -0.98
C GLN A 7 6.22 -5.41 -0.78
N SER A 8 5.77 -6.14 0.25
CA SER A 8 4.34 -6.25 0.61
C SER A 8 3.73 -4.89 1.01
N LYS A 9 4.45 -4.10 1.82
CA LYS A 9 4.10 -2.71 2.20
C LYS A 9 3.96 -1.79 0.98
N ILE A 10 4.90 -1.82 0.03
CA ILE A 10 4.81 -1.04 -1.22
C ILE A 10 3.48 -1.27 -1.95
N ARG A 11 3.05 -2.54 -2.07
CA ARG A 11 1.82 -2.93 -2.77
C ARG A 11 0.53 -2.39 -2.14
N ARG A 12 0.48 -2.22 -0.80
CA ARG A 12 -0.60 -1.47 -0.11
C ARG A 12 -0.37 0.05 -0.13
N THR A 13 0.86 0.51 -0.02
CA THR A 13 1.22 1.93 -0.01
C THR A 13 0.82 2.63 -1.30
N ASN A 14 0.92 1.96 -2.46
CA ASN A 14 0.48 2.48 -3.76
C ASN A 14 -0.95 3.06 -3.72
N PRO A 15 -2.04 2.27 -3.53
CA PRO A 15 -3.39 2.82 -3.45
C PRO A 15 -3.59 3.78 -2.29
N ILE A 16 -3.05 3.49 -1.10
CA ILE A 16 -3.18 4.33 0.12
C ILE A 16 -2.56 5.74 -0.09
N PHE A 17 -1.49 5.86 -0.87
CA PHE A 17 -0.87 7.14 -1.24
C PHE A 17 -1.60 7.82 -2.40
N CYS A 18 -1.93 7.10 -3.47
CA CYS A 18 -2.59 7.62 -4.67
C CYS A 18 -4.01 8.17 -4.41
N ILE A 19 -4.78 7.57 -3.50
CA ILE A 19 -6.12 8.02 -3.09
C ILE A 19 -6.30 7.96 -1.56
N ARG A 20 -6.98 8.98 -1.00
CA ARG A 20 -7.29 9.08 0.45
C ARG A 20 -8.75 8.76 0.79
N ARG A 21 -9.60 8.49 -0.21
CA ARG A 21 -11.01 8.08 -0.11
C ARG A 21 -11.17 6.55 0.02
N ALA A 22 -12.40 6.11 0.29
CA ALA A 22 -12.82 4.70 0.37
C ALA A 22 -14.21 4.48 -0.27
N SER A 23 -14.61 3.22 -0.41
CA SER A 23 -15.89 2.80 -1.03
C SER A 23 -16.69 1.86 -0.11
N PRO A 24 -17.39 2.38 0.92
CA PRO A 24 -18.24 1.61 1.83
C PRO A 24 -19.58 1.23 1.15
N THR A 25 -19.55 0.22 0.28
CA THR A 25 -20.69 -0.33 -0.49
C THR A 25 -21.83 -0.83 0.43
N SER A 1 17.19 -8.80 5.05
CA SER A 1 16.97 -7.39 5.47
C SER A 1 15.55 -6.90 5.14
N LYS A 2 14.52 -7.48 5.80
CA LYS A 2 13.08 -7.14 5.71
C LYS A 2 12.48 -7.04 4.29
N CYS A 3 13.11 -7.65 3.28
CA CYS A 3 12.75 -7.49 1.86
C CYS A 3 11.30 -7.89 1.54
N ARG A 4 10.86 -9.08 2.00
CA ARG A 4 9.48 -9.57 1.83
C ARG A 4 8.45 -8.57 2.37
N GLN A 5 8.62 -8.16 3.64
CA GLN A 5 7.79 -7.15 4.31
C GLN A 5 7.75 -5.84 3.51
N TRP A 6 8.91 -5.28 3.17
CA TRP A 6 9.04 -4.06 2.36
C TRP A 6 8.29 -4.16 1.03
N GLN A 7 8.52 -5.22 0.24
CA GLN A 7 7.82 -5.48 -1.03
C GLN A 7 6.30 -5.53 -0.88
N SER A 8 5.76 -6.25 0.10
CA SER A 8 4.31 -6.27 0.39
C SER A 8 3.79 -4.89 0.82
N LYS A 9 4.53 -4.19 1.68
CA LYS A 9 4.21 -2.85 2.19
C LYS A 9 4.18 -1.79 1.08
N ILE A 10 5.05 -1.87 0.08
CA ILE A 10 4.99 -1.05 -1.15
C ILE A 10 3.64 -1.25 -1.86
N ARG A 11 3.24 -2.49 -2.15
CA ARG A 11 1.96 -2.80 -2.81
C ARG A 11 0.74 -2.28 -2.04
N ARG A 12 0.75 -2.36 -0.71
CA ARG A 12 -0.31 -1.80 0.16
C ARG A 12 -0.27 -0.27 0.25
N THR A 13 0.92 0.33 0.28
CA THR A 13 1.12 1.80 0.31
C THR A 13 0.64 2.47 -0.98
N ASN A 14 0.83 1.85 -2.15
CA ASN A 14 0.44 2.37 -3.46
C ASN A 14 -0.99 2.96 -3.50
N PRO A 15 -2.08 2.18 -3.28
CA PRO A 15 -3.44 2.72 -3.28
C PRO A 15 -3.67 3.75 -2.18
N ILE A 16 -3.16 3.52 -0.96
CA ILE A 16 -3.28 4.43 0.20
C ILE A 16 -2.66 5.81 -0.09
N PHE A 17 -1.59 5.88 -0.87
CA PHE A 17 -0.96 7.12 -1.35
C PHE A 17 -1.72 7.74 -2.53
N CYS A 18 -2.05 6.94 -3.56
CA CYS A 18 -2.70 7.41 -4.79
C CYS A 18 -4.12 7.97 -4.60
N ILE A 19 -4.91 7.44 -3.65
CA ILE A 19 -6.28 7.90 -3.33
C ILE A 19 -6.49 8.00 -1.80
N ARG A 20 -7.24 9.04 -1.37
CA ARG A 20 -7.58 9.30 0.04
C ARG A 20 -9.08 9.26 0.39
N ARG A 21 -9.96 9.27 -0.61
CA ARG A 21 -11.43 9.28 -0.44
C ARG A 21 -11.96 7.90 -0.04
N ALA A 22 -11.77 6.89 -0.89
CA ALA A 22 -12.01 5.49 -0.56
C ALA A 22 -10.87 4.90 0.30
N SER A 23 -11.19 3.98 1.21
CA SER A 23 -10.26 3.28 2.10
C SER A 23 -10.62 1.78 2.20
N PRO A 24 -10.31 0.97 1.17
CA PRO A 24 -10.64 -0.46 1.14
C PRO A 24 -9.80 -1.29 2.12
N THR A 25 -10.33 -2.42 2.57
CA THR A 25 -9.68 -3.42 3.43
C THR A 25 -8.60 -4.23 2.70
N SER A 1 10.84 -11.04 7.87
CA SER A 1 11.88 -10.76 6.85
C SER A 1 11.70 -9.37 6.24
N LYS A 2 12.72 -8.50 6.32
CA LYS A 2 12.70 -7.10 5.88
C LYS A 2 12.24 -6.92 4.43
N CYS A 3 12.87 -7.64 3.49
CA CYS A 3 12.55 -7.57 2.05
C CYS A 3 11.08 -7.95 1.75
N ARG A 4 10.60 -9.08 2.29
CA ARG A 4 9.21 -9.55 2.15
C ARG A 4 8.20 -8.51 2.66
N GLN A 5 8.42 -8.00 3.88
CA GLN A 5 7.61 -6.93 4.46
C GLN A 5 7.63 -5.66 3.60
N TRP A 6 8.81 -5.17 3.21
CA TRP A 6 8.99 -3.97 2.36
C TRP A 6 8.24 -4.09 1.02
N GLN A 7 8.47 -5.17 0.26
CA GLN A 7 7.78 -5.45 -1.01
C GLN A 7 6.25 -5.49 -0.85
N SER A 8 5.75 -6.16 0.20
CA SER A 8 4.32 -6.18 0.53
C SER A 8 3.80 -4.79 0.94
N LYS A 9 4.56 -4.02 1.73
CA LYS A 9 4.19 -2.68 2.20
C LYS A 9 4.08 -1.68 1.06
N ILE A 10 5.01 -1.70 0.09
CA ILE A 10 4.92 -0.92 -1.16
C ILE A 10 3.57 -1.13 -1.86
N ARG A 11 3.13 -2.38 -1.97
CA ARG A 11 1.86 -2.77 -2.62
C ARG A 11 0.60 -2.34 -1.85
N ARG A 12 0.71 -2.03 -0.55
CA ARG A 12 -0.34 -1.34 0.25
C ARG A 12 -0.23 0.18 0.17
N THR A 13 0.96 0.76 0.34
CA THR A 13 1.15 2.22 0.34
C THR A 13 0.85 2.86 -1.02
N ASN A 14 1.01 2.14 -2.13
CA ASN A 14 0.61 2.60 -3.47
C ASN A 14 -0.86 3.09 -3.52
N PRO A 15 -1.90 2.24 -3.37
CA PRO A 15 -3.29 2.69 -3.42
C PRO A 15 -3.63 3.70 -2.31
N ILE A 16 -3.12 3.51 -1.09
CA ILE A 16 -3.33 4.40 0.07
C ILE A 16 -2.80 5.82 -0.19
N PHE A 17 -1.66 5.98 -0.87
CA PHE A 17 -1.09 7.27 -1.26
C PHE A 17 -1.74 7.86 -2.52
N CYS A 18 -2.04 7.04 -3.54
CA CYS A 18 -2.68 7.46 -4.79
C CYS A 18 -4.06 8.09 -4.58
N ILE A 19 -4.86 7.58 -3.64
CA ILE A 19 -6.18 8.12 -3.28
C ILE A 19 -6.37 8.19 -1.75
N ARG A 20 -6.59 9.41 -1.23
CA ARG A 20 -6.95 9.67 0.19
C ARG A 20 -8.24 8.97 0.64
N ARG A 21 -9.17 8.74 -0.30
CA ARG A 21 -10.45 8.02 -0.10
C ARG A 21 -10.23 6.49 -0.13
N ALA A 22 -10.84 5.79 0.82
CA ALA A 22 -10.90 4.33 0.90
C ALA A 22 -12.30 3.85 1.32
N SER A 23 -12.53 2.53 1.29
CA SER A 23 -13.79 1.84 1.64
C SER A 23 -15.06 2.53 1.11
N PRO A 24 -15.33 2.48 -0.22
CA PRO A 24 -16.47 3.15 -0.85
C PRO A 24 -17.83 2.49 -0.52
N THR A 25 -17.83 1.22 -0.10
CA THR A 25 -19.01 0.43 0.34
C THR A 25 -19.46 0.77 1.77
N SER A 1 15.13 -10.48 8.35
CA SER A 1 15.01 -9.76 7.06
C SER A 1 13.79 -8.84 7.06
N LYS A 2 13.82 -7.81 6.19
CA LYS A 2 12.74 -6.84 5.93
C LYS A 2 12.27 -6.80 4.46
N CYS A 3 12.89 -7.56 3.55
CA CYS A 3 12.62 -7.51 2.11
C CYS A 3 11.17 -7.86 1.75
N ARG A 4 10.63 -8.99 2.25
CA ARG A 4 9.23 -9.41 2.07
C ARG A 4 8.23 -8.39 2.62
N GLN A 5 8.47 -7.90 3.83
CA GLN A 5 7.67 -6.84 4.46
C GLN A 5 7.68 -5.55 3.61
N TRP A 6 8.85 -5.06 3.19
CA TRP A 6 9.02 -3.90 2.33
C TRP A 6 8.24 -4.05 1.01
N GLN A 7 8.45 -5.14 0.26
CA GLN A 7 7.73 -5.42 -1.00
C GLN A 7 6.20 -5.46 -0.80
N SER A 8 5.70 -6.15 0.23
CA SER A 8 4.27 -6.16 0.60
C SER A 8 3.75 -4.76 0.92
N LYS A 9 4.46 -4.01 1.77
CA LYS A 9 4.16 -2.62 2.11
C LYS A 9 4.05 -1.73 0.88
N ILE A 10 4.98 -1.78 -0.09
CA ILE A 10 4.91 -0.98 -1.34
C ILE A 10 3.57 -1.18 -2.07
N ARG A 11 3.13 -2.43 -2.27
CA ARG A 11 1.83 -2.74 -2.92
C ARG A 11 0.61 -2.17 -2.16
N ARG A 12 0.69 -1.99 -0.85
CA ARG A 12 -0.34 -1.38 0.02
C ARG A 12 -0.23 0.15 0.09
N THR A 13 0.97 0.69 0.21
CA THR A 13 1.27 2.12 0.18
C THR A 13 0.86 2.75 -1.15
N ASN A 14 0.98 2.05 -2.28
CA ASN A 14 0.54 2.53 -3.60
C ASN A 14 -0.91 3.07 -3.60
N PRO A 15 -1.96 2.26 -3.37
CA PRO A 15 -3.33 2.77 -3.33
C PRO A 15 -3.55 3.78 -2.19
N ILE A 16 -3.00 3.55 -1.00
CA ILE A 16 -3.14 4.44 0.18
C ILE A 16 -2.56 5.85 -0.07
N PHE A 17 -1.48 5.98 -0.85
CA PHE A 17 -0.86 7.24 -1.23
C PHE A 17 -1.49 7.88 -2.48
N CYS A 18 -1.93 7.07 -3.46
CA CYS A 18 -2.62 7.56 -4.66
C CYS A 18 -4.02 8.12 -4.35
N ILE A 19 -4.84 7.40 -3.57
CA ILE A 19 -6.21 7.77 -3.20
C ILE A 19 -6.47 7.63 -1.69
N ARG A 20 -7.41 8.42 -1.15
CA ARG A 20 -7.81 8.44 0.27
C ARG A 20 -9.31 8.23 0.49
N ARG A 21 -10.06 7.92 -0.58
CA ARG A 21 -11.54 7.84 -0.61
C ARG A 21 -12.09 6.75 0.30
N ALA A 22 -11.57 5.52 0.17
CA ALA A 22 -12.01 4.29 0.86
C ALA A 22 -13.54 4.02 0.80
N SER A 23 -14.23 4.54 -0.21
CA SER A 23 -15.68 4.44 -0.42
C SER A 23 -16.15 2.99 -0.63
N PRO A 24 -17.43 2.66 -0.31
CA PRO A 24 -17.99 1.34 -0.57
C PRO A 24 -18.14 1.07 -2.09
N THR A 25 -17.81 -0.16 -2.51
CA THR A 25 -17.82 -0.63 -3.91
C THR A 25 -19.08 -1.43 -4.26
N SER A 1 14.78 -10.77 7.94
CA SER A 1 14.92 -10.03 6.66
C SER A 1 13.70 -9.17 6.37
N LYS A 2 13.86 -7.84 6.28
CA LYS A 2 12.75 -6.88 6.00
C LYS A 2 12.24 -6.90 4.56
N CYS A 3 12.96 -7.51 3.61
CA CYS A 3 12.69 -7.48 2.18
C CYS A 3 11.24 -7.85 1.79
N ARG A 4 10.70 -8.94 2.34
CA ARG A 4 9.30 -9.38 2.11
C ARG A 4 8.28 -8.36 2.63
N GLN A 5 8.44 -7.89 3.86
CA GLN A 5 7.60 -6.84 4.45
C GLN A 5 7.67 -5.54 3.65
N TRP A 6 8.86 -5.11 3.21
CA TRP A 6 9.06 -3.94 2.35
C TRP A 6 8.30 -4.06 1.02
N GLN A 7 8.43 -5.18 0.31
CA GLN A 7 7.71 -5.44 -0.94
C GLN A 7 6.18 -5.43 -0.76
N SER A 8 5.63 -6.11 0.26
CA SER A 8 4.19 -6.10 0.54
C SER A 8 3.69 -4.71 0.98
N LYS A 9 4.48 -3.97 1.78
CA LYS A 9 4.23 -2.56 2.14
C LYS A 9 4.12 -1.68 0.90
N ILE A 10 5.10 -1.67 -0.01
CA ILE A 10 5.06 -0.89 -1.26
C ILE A 10 3.73 -1.07 -1.99
N ARG A 11 3.32 -2.32 -2.25
CA ARG A 11 2.09 -2.66 -3.00
C ARG A 11 0.80 -2.21 -2.29
N ARG A 12 0.80 -2.10 -0.95
CA ARG A 12 -0.32 -1.60 -0.12
C ARG A 12 -0.29 -0.07 0.08
N THR A 13 0.88 0.53 0.20
CA THR A 13 1.13 1.98 0.24
C THR A 13 0.71 2.66 -1.05
N ASN A 14 0.91 2.03 -2.21
CA ASN A 14 0.51 2.54 -3.53
C ASN A 14 -0.93 3.09 -3.57
N PRO A 15 -1.99 2.26 -3.38
CA PRO A 15 -3.37 2.76 -3.39
C PRO A 15 -3.66 3.77 -2.27
N ILE A 16 -3.15 3.53 -1.05
CA ILE A 16 -3.33 4.42 0.11
C ILE A 16 -2.81 5.85 -0.17
N PHE A 17 -1.61 5.96 -0.76
CA PHE A 17 -1.00 7.23 -1.16
C PHE A 17 -1.71 7.89 -2.36
N CYS A 18 -2.08 7.11 -3.39
CA CYS A 18 -2.78 7.60 -4.57
C CYS A 18 -4.19 8.14 -4.28
N ILE A 19 -4.97 7.45 -3.43
CA ILE A 19 -6.37 7.78 -3.09
C ILE A 19 -6.65 7.69 -1.58
N ARG A 20 -6.80 8.85 -0.91
CA ARG A 20 -7.17 8.97 0.52
C ARG A 20 -8.46 8.20 0.86
N ARG A 21 -9.43 8.17 -0.06
CA ARG A 21 -10.69 7.39 0.03
C ARG A 21 -10.48 5.87 0.16
N ALA A 22 -9.38 5.33 -0.37
CA ALA A 22 -9.04 3.90 -0.43
C ALA A 22 -10.17 2.98 -0.97
N SER A 23 -11.02 3.49 -1.86
CA SER A 23 -12.18 2.81 -2.47
C SER A 23 -12.27 3.09 -3.98
N PRO A 24 -12.91 2.22 -4.79
CA PRO A 24 -13.02 2.41 -6.23
C PRO A 24 -13.93 3.58 -6.63
N THR A 25 -13.68 4.14 -7.82
CA THR A 25 -14.48 5.22 -8.46
C THR A 25 -15.81 4.73 -9.05
N SER A 1 14.86 -11.20 7.87
CA SER A 1 15.05 -10.06 6.93
C SER A 1 13.77 -9.22 6.82
N LYS A 2 13.83 -8.10 6.08
CA LYS A 2 12.70 -7.16 5.84
C LYS A 2 12.24 -7.09 4.37
N CYS A 3 12.86 -7.86 3.47
CA CYS A 3 12.64 -7.81 2.02
C CYS A 3 11.16 -8.00 1.60
N ARG A 4 10.55 -9.13 1.97
CA ARG A 4 9.12 -9.40 1.71
C ARG A 4 8.20 -8.36 2.37
N GLN A 5 8.46 -8.01 3.63
CA GLN A 5 7.67 -7.01 4.36
C GLN A 5 7.65 -5.66 3.65
N TRP A 6 8.82 -5.17 3.20
CA TRP A 6 8.98 -3.96 2.39
C TRP A 6 8.24 -4.04 1.04
N GLN A 7 8.43 -5.12 0.27
CA GLN A 7 7.74 -5.35 -1.01
C GLN A 7 6.20 -5.36 -0.84
N SER A 8 5.68 -6.09 0.14
CA SER A 8 4.25 -6.10 0.48
C SER A 8 3.75 -4.74 0.97
N LYS A 9 4.53 -3.99 1.77
CA LYS A 9 4.23 -2.61 2.15
C LYS A 9 4.07 -1.71 0.92
N ILE A 10 5.03 -1.67 -0.01
CA ILE A 10 4.96 -0.91 -1.27
C ILE A 10 3.61 -1.14 -1.98
N ARG A 11 3.17 -2.40 -2.11
CA ARG A 11 1.93 -2.80 -2.79
C ARG A 11 0.64 -2.30 -2.11
N ARG A 12 0.63 -2.07 -0.78
CA ARG A 12 -0.47 -1.37 -0.06
C ARG A 12 -0.29 0.14 -0.05
N THR A 13 0.93 0.64 0.14
CA THR A 13 1.27 2.08 0.15
C THR A 13 0.89 2.76 -1.17
N ASN A 14 1.04 2.09 -2.32
CA ASN A 14 0.63 2.63 -3.64
C ASN A 14 -0.82 3.16 -3.64
N PRO A 15 -1.88 2.33 -3.49
CA PRO A 15 -3.26 2.82 -3.47
C PRO A 15 -3.55 3.78 -2.31
N ILE A 16 -3.01 3.51 -1.11
CA ILE A 16 -3.20 4.35 0.10
C ILE A 16 -2.63 5.78 -0.08
N PHE A 17 -1.51 5.92 -0.80
CA PHE A 17 -0.91 7.21 -1.14
C PHE A 17 -1.66 7.92 -2.29
N CYS A 18 -1.95 7.19 -3.38
CA CYS A 18 -2.62 7.72 -4.57
C CYS A 18 -4.05 8.25 -4.29
N ILE A 19 -4.87 7.50 -3.54
CA ILE A 19 -6.26 7.86 -3.19
C ILE A 19 -6.59 7.62 -1.71
N ARG A 20 -7.66 8.27 -1.23
CA ARG A 20 -8.17 8.20 0.15
C ARG A 20 -9.70 8.07 0.26
N ARG A 21 -10.43 8.24 -0.86
CA ARG A 21 -11.86 7.93 -1.02
C ARG A 21 -12.12 6.41 -1.08
N ALA A 22 -13.38 6.01 -0.96
CA ALA A 22 -13.83 4.62 -1.03
C ALA A 22 -15.14 4.50 -1.85
N SER A 23 -15.01 4.47 -3.17
CA SER A 23 -16.13 4.42 -4.14
C SER A 23 -15.85 3.45 -5.32
N PRO A 24 -15.75 2.13 -5.06
CA PRO A 24 -15.56 1.13 -6.11
C PRO A 24 -16.81 1.01 -7.01
N THR A 25 -16.58 0.88 -8.33
CA THR A 25 -17.61 0.76 -9.38
C THR A 25 -18.42 -0.54 -9.27
N SER A 1 10.73 -10.82 8.02
CA SER A 1 11.72 -10.69 6.92
C SER A 1 11.60 -9.31 6.26
N LYS A 2 12.60 -8.44 6.45
CA LYS A 2 12.61 -7.04 5.97
C LYS A 2 12.28 -6.90 4.47
N CYS A 3 12.90 -7.72 3.61
CA CYS A 3 12.69 -7.73 2.16
C CYS A 3 11.22 -7.95 1.77
N ARG A 4 10.61 -9.05 2.24
CA ARG A 4 9.18 -9.38 1.98
C ARG A 4 8.24 -8.33 2.55
N GLN A 5 8.48 -7.90 3.79
CA GLN A 5 7.71 -6.85 4.47
C GLN A 5 7.71 -5.55 3.66
N TRP A 6 8.89 -5.09 3.22
CA TRP A 6 9.07 -3.92 2.35
C TRP A 6 8.30 -4.04 1.02
N GLN A 7 8.47 -5.12 0.26
CA GLN A 7 7.75 -5.32 -1.00
C GLN A 7 6.22 -5.37 -0.81
N SER A 8 5.74 -6.02 0.25
CA SER A 8 4.32 -5.99 0.66
C SER A 8 3.85 -4.56 0.98
N LYS A 9 4.61 -3.83 1.81
CA LYS A 9 4.37 -2.43 2.18
C LYS A 9 4.30 -1.51 0.97
N ILE A 10 5.17 -1.66 -0.04
CA ILE A 10 5.10 -0.91 -1.31
C ILE A 10 3.73 -1.11 -1.97
N ARG A 11 3.31 -2.37 -2.17
CA ARG A 11 2.01 -2.72 -2.79
C ARG A 11 0.81 -2.22 -1.97
N ARG A 12 0.91 -2.18 -0.64
CA ARG A 12 -0.08 -1.56 0.28
C ARG A 12 -0.12 -0.02 0.14
N THR A 13 1.05 0.61 0.18
CA THR A 13 1.23 2.07 0.21
C THR A 13 0.78 2.74 -1.10
N ASN A 14 0.98 2.09 -2.25
CA ASN A 14 0.56 2.61 -3.56
C ASN A 14 -0.90 3.14 -3.58
N PRO A 15 -1.94 2.31 -3.37
CA PRO A 15 -3.33 2.80 -3.32
C PRO A 15 -3.57 3.76 -2.14
N ILE A 16 -3.02 3.49 -0.96
CA ILE A 16 -3.16 4.33 0.26
C ILE A 16 -2.61 5.77 0.07
N PHE A 17 -1.65 5.96 -0.84
CA PHE A 17 -1.09 7.26 -1.23
C PHE A 17 -1.78 7.87 -2.45
N CYS A 18 -2.04 7.08 -3.50
CA CYS A 18 -2.68 7.54 -4.75
C CYS A 18 -4.14 7.98 -4.58
N ILE A 19 -4.89 7.38 -3.64
CA ILE A 19 -6.26 7.78 -3.25
C ILE A 19 -6.41 7.85 -1.72
N ARG A 20 -7.49 8.49 -1.25
CA ARG A 20 -7.82 8.68 0.18
C ARG A 20 -9.26 8.26 0.51
N ARG A 21 -9.84 7.38 -0.31
CA ARG A 21 -11.24 6.91 -0.25
C ARG A 21 -11.32 5.37 -0.19
N ALA A 22 -12.45 4.84 0.25
CA ALA A 22 -12.71 3.41 0.41
C ALA A 22 -13.47 2.76 -0.78
N SER A 23 -13.83 3.55 -1.80
CA SER A 23 -14.60 3.11 -2.98
C SER A 23 -14.00 3.68 -4.29
N PRO A 24 -12.98 3.02 -4.87
CA PRO A 24 -12.47 3.37 -6.21
C PRO A 24 -13.48 2.99 -7.30
N THR A 25 -13.47 3.75 -8.42
CA THR A 25 -14.39 3.61 -9.57
C THR A 25 -13.65 3.86 -10.89
N SER A 1 17.46 -7.92 4.94
CA SER A 1 16.53 -7.75 6.08
C SER A 1 15.25 -7.05 5.64
N LYS A 2 14.08 -7.47 6.16
CA LYS A 2 12.72 -6.90 5.91
C LYS A 2 12.26 -6.88 4.44
N CYS A 3 12.93 -7.60 3.53
CA CYS A 3 12.69 -7.56 2.08
C CYS A 3 11.24 -7.89 1.68
N ARG A 4 10.71 -9.02 2.16
CA ARG A 4 9.33 -9.48 1.88
C ARG A 4 8.28 -8.49 2.41
N GLN A 5 8.45 -8.04 3.65
CA GLN A 5 7.63 -7.03 4.31
C GLN A 5 7.63 -5.69 3.55
N TRP A 6 8.81 -5.22 3.13
CA TRP A 6 8.96 -4.02 2.28
C TRP A 6 8.19 -4.16 0.97
N GLN A 7 8.38 -5.25 0.23
CA GLN A 7 7.65 -5.54 -1.02
C GLN A 7 6.12 -5.50 -0.86
N SER A 8 5.55 -6.19 0.15
CA SER A 8 4.10 -6.13 0.41
C SER A 8 3.63 -4.75 0.90
N LYS A 9 4.43 -4.04 1.70
CA LYS A 9 4.15 -2.68 2.17
C LYS A 9 4.09 -1.67 1.02
N ILE A 10 5.02 -1.72 0.05
CA ILE A 10 4.95 -0.91 -1.20
C ILE A 10 3.60 -1.10 -1.89
N ARG A 11 3.18 -2.36 -2.10
CA ARG A 11 1.93 -2.72 -2.79
C ARG A 11 0.66 -2.24 -2.08
N ARG A 12 0.69 -2.05 -0.76
CA ARG A 12 -0.38 -1.41 0.03
C ARG A 12 -0.26 0.13 0.08
N THR A 13 0.94 0.66 0.25
CA THR A 13 1.22 2.11 0.22
C THR A 13 0.85 2.75 -1.11
N ASN A 14 0.99 2.05 -2.24
CA ASN A 14 0.58 2.54 -3.58
C ASN A 14 -0.86 3.08 -3.60
N PRO A 15 -1.94 2.28 -3.40
CA PRO A 15 -3.30 2.80 -3.37
C PRO A 15 -3.53 3.78 -2.21
N ILE A 16 -3.00 3.51 -1.01
CA ILE A 16 -3.15 4.36 0.19
C ILE A 16 -2.57 5.79 -0.01
N PHE A 17 -1.54 5.94 -0.84
CA PHE A 17 -0.94 7.23 -1.23
C PHE A 17 -1.66 7.86 -2.44
N CYS A 18 -1.93 7.09 -3.49
CA CYS A 18 -2.60 7.55 -4.72
C CYS A 18 -4.03 8.06 -4.49
N ILE A 19 -4.79 7.42 -3.59
CA ILE A 19 -6.14 7.84 -3.16
C ILE A 19 -6.27 7.86 -1.62
N ARG A 20 -7.02 8.84 -1.11
CA ARG A 20 -7.25 9.11 0.33
C ARG A 20 -8.73 9.22 0.70
N ARG A 21 -9.58 8.49 -0.05
CA ARG A 21 -11.07 8.51 -0.01
C ARG A 21 -11.70 9.89 -0.30
N ALA A 22 -10.94 10.80 -0.90
CA ALA A 22 -11.41 12.13 -1.34
C ALA A 22 -12.36 12.06 -2.55
N SER A 23 -12.15 11.10 -3.45
CA SER A 23 -12.93 10.90 -4.70
C SER A 23 -13.23 9.41 -4.94
N PRO A 24 -14.16 8.80 -4.16
CA PRO A 24 -14.60 7.41 -4.37
C PRO A 24 -15.47 7.27 -5.63
N THR A 25 -15.74 6.02 -6.04
CA THR A 25 -16.49 5.64 -7.26
C THR A 25 -17.60 4.64 -6.95
N SER A 1 15.25 -11.21 6.91
CA SER A 1 15.42 -9.97 6.12
C SER A 1 14.07 -9.30 5.86
N LYS A 2 14.00 -7.96 5.98
CA LYS A 2 12.75 -7.18 5.82
C LYS A 2 12.24 -7.04 4.36
N CYS A 3 12.98 -7.53 3.36
CA CYS A 3 12.66 -7.43 1.94
C CYS A 3 11.21 -7.84 1.59
N ARG A 4 10.75 -9.01 2.05
CA ARG A 4 9.36 -9.50 1.83
C ARG A 4 8.30 -8.57 2.41
N GLN A 5 8.49 -8.10 3.65
CA GLN A 5 7.61 -7.11 4.28
C GLN A 5 7.61 -5.79 3.49
N TRP A 6 8.78 -5.26 3.13
CA TRP A 6 8.95 -4.05 2.32
C TRP A 6 8.22 -4.13 0.97
N GLN A 7 8.42 -5.20 0.20
CA GLN A 7 7.73 -5.45 -1.08
C GLN A 7 6.20 -5.50 -0.91
N SER A 8 5.69 -6.22 0.08
CA SER A 8 4.26 -6.26 0.42
C SER A 8 3.72 -4.88 0.82
N LYS A 9 4.44 -4.16 1.69
CA LYS A 9 4.11 -2.82 2.16
C LYS A 9 4.06 -1.79 1.02
N ILE A 10 5.01 -1.82 0.07
CA ILE A 10 4.96 -0.99 -1.16
C ILE A 10 3.62 -1.17 -1.90
N ARG A 11 3.19 -2.41 -2.14
CA ARG A 11 1.93 -2.72 -2.84
C ARG A 11 0.67 -2.26 -2.09
N ARG A 12 0.72 -2.12 -0.76
CA ARG A 12 -0.33 -1.51 0.07
C ARG A 12 -0.25 0.02 0.10
N THR A 13 0.96 0.58 0.24
CA THR A 13 1.23 2.03 0.22
C THR A 13 0.81 2.68 -1.11
N ASN A 14 0.97 2.01 -2.25
CA ASN A 14 0.57 2.50 -3.57
C ASN A 14 -0.88 3.06 -3.60
N PRO A 15 -1.95 2.25 -3.41
CA PRO A 15 -3.32 2.77 -3.38
C PRO A 15 -3.57 3.76 -2.24
N ILE A 16 -3.06 3.49 -1.02
CA ILE A 16 -3.21 4.37 0.16
C ILE A 16 -2.67 5.79 -0.09
N PHE A 17 -1.55 5.92 -0.80
CA PHE A 17 -0.94 7.19 -1.20
C PHE A 17 -1.70 7.86 -2.36
N CYS A 18 -2.02 7.10 -3.43
CA CYS A 18 -2.70 7.61 -4.62
C CYS A 18 -4.14 8.09 -4.36
N ILE A 19 -4.89 7.44 -3.46
CA ILE A 19 -6.26 7.79 -3.04
C ILE A 19 -6.42 7.74 -1.52
N ARG A 20 -6.80 8.88 -0.92
CA ARG A 20 -7.08 9.00 0.54
C ARG A 20 -8.27 8.13 0.97
N ARG A 21 -9.32 8.07 0.15
CA ARG A 21 -10.48 7.18 0.31
C ARG A 21 -10.09 5.71 0.09
N ALA A 22 -10.81 4.79 0.74
CA ALA A 22 -10.68 3.34 0.58
C ALA A 22 -12.06 2.68 0.39
N SER A 23 -12.08 1.47 -0.17
CA SER A 23 -13.28 0.73 -0.62
C SER A 23 -14.33 1.62 -1.32
N PRO A 24 -14.03 2.15 -2.53
CA PRO A 24 -14.91 3.06 -3.26
C PRO A 24 -16.20 2.38 -3.77
N THR A 25 -17.15 3.20 -4.25
CA THR A 25 -18.49 2.80 -4.72
C THR A 25 -18.85 3.44 -6.07
#